data_7RJ2
#
_entry.id   7RJ2
#
_cell.length_a   92.183
_cell.length_b   92.183
_cell.length_c   57.965
_cell.angle_alpha   90.000
_cell.angle_beta   90.000
_cell.angle_gamma   120.000
#
_symmetry.space_group_name_H-M   'P 6'
#
loop_
_entity.id
_entity.type
_entity.pdbx_description
1 polymer 'Capsid protein p24'
2 non-polymer Lenacapavir
3 non-polymer 'CHLORIDE ION'
4 non-polymer 'IODIDE ION'
5 water water
#
_entity_poly.entity_id   1
_entity_poly.type   'polypeptide(L)'
_entity_poly.pdbx_seq_one_letter_code
;PIVQNLQGQMVHQCISPRTLNAWVKVVEEKAFSPEVIPMFSALSCGATPQDLNTMLNTVGGHQAAMHMLKETIDEEAAEW
DRLHPVHAGPIAPGQMREPRGSDIAGTTSTLQEQIGWMTHNPPIPVGEIYKRWIILGLNKIVRMYSPTSILDIRQGPKEP
FRDYVDRFYKTLRAEQASQEVKNAATETLLVQNANPDCKTILKALGPGATLEEMMTACQGVGGPGHKARVL
;
_entity_poly.pdbx_strand_id   C
#
loop_
_chem_comp.id
_chem_comp.type
_chem_comp.name
_chem_comp.formula
CL non-polymer 'CHLORIDE ION' 'Cl -1'
IOD non-polymer 'IODIDE ION' 'I -1'
QNG non-polymer Lenacapavir 'C39 H32 Cl F10 N7 O5 S2'
#
# COMPACT_ATOMS: atom_id res chain seq x y z
N PRO A 1 -5.98 16.23 7.00
CA PRO A 1 -5.23 15.38 7.93
C PRO A 1 -5.13 15.99 9.32
N ILE A 2 -4.58 15.25 10.27
CA ILE A 2 -4.41 15.74 11.64
C ILE A 2 -2.92 15.99 11.81
N VAL A 3 -2.55 17.27 11.82
CA VAL A 3 -1.16 17.66 11.94
C VAL A 3 -0.94 18.29 13.30
N GLN A 4 0.30 18.31 13.72
CA GLN A 4 0.68 19.02 14.93
C GLN A 4 1.10 20.42 14.54
N ASN A 5 0.44 21.41 15.12
CA ASN A 5 0.79 22.78 14.82
C ASN A 5 2.18 23.09 15.36
N LEU A 6 2.71 24.23 14.99
CA LEU A 6 4.05 24.56 15.42
C LEU A 6 4.12 24.88 16.92
N GLN A 7 3.02 24.71 17.67
CA GLN A 7 3.04 24.88 19.12
C GLN A 7 2.93 23.56 19.89
N GLY A 8 2.63 22.46 19.23
CA GLY A 8 2.58 21.16 19.87
C GLY A 8 1.19 20.56 20.09
N GLN A 9 0.15 21.07 19.41
CA GLN A 9 -1.21 20.56 19.55
C GLN A 9 -1.64 19.92 18.23
N MET A 10 -2.27 18.75 18.31
CA MET A 10 -2.77 18.05 17.12
C MET A 10 -4.08 18.69 16.69
N VAL A 11 -4.09 19.33 15.52
CA VAL A 11 -5.28 19.97 15.00
C VAL A 11 -5.54 19.45 13.59
N HIS A 12 -6.79 19.62 13.16
CA HIS A 12 -7.18 19.19 11.84
C HIS A 12 -6.75 20.21 10.78
N GLN A 13 -6.33 19.71 9.62
CA GLN A 13 -5.96 20.54 8.49
C GLN A 13 -6.71 20.07 7.26
N CYS A 14 -7.16 21.03 6.46
CA CYS A 14 -7.74 20.70 5.17
C CYS A 14 -6.72 20.00 4.30
N ILE A 15 -7.17 18.98 3.58
CA ILE A 15 -6.28 18.34 2.62
C ILE A 15 -5.94 19.35 1.52
N SER A 16 -4.67 19.39 1.13
CA SER A 16 -4.22 20.45 0.25
C SER A 16 -4.47 20.07 -1.22
N PRO A 17 -4.70 21.06 -2.08
CA PRO A 17 -4.85 20.76 -3.51
C PRO A 17 -3.66 20.00 -4.07
N ARG A 18 -2.45 20.33 -3.62
CA ARG A 18 -1.27 19.56 -4.06
C ARG A 18 -1.42 18.09 -3.71
N THR A 19 -1.84 17.77 -2.49
CA THR A 19 -2.01 16.36 -2.12
C THR A 19 -3.09 15.68 -2.96
N LEU A 20 -4.24 16.33 -3.12
CA LEU A 20 -5.32 15.76 -3.92
C LEU A 20 -4.86 15.49 -5.35
N ASN A 21 -4.24 16.49 -5.98
CA ASN A 21 -3.79 16.39 -7.36
C ASN A 21 -2.71 15.32 -7.54
N ALA A 22 -1.75 15.23 -6.62
CA ALA A 22 -0.71 14.20 -6.77
C ALA A 22 -1.32 12.81 -6.76
N TRP A 23 -2.24 12.54 -5.84
CA TRP A 23 -2.86 11.21 -5.81
C TRP A 23 -3.59 10.91 -7.11
N VAL A 24 -4.42 11.84 -7.58
CA VAL A 24 -5.14 11.61 -8.84
C VAL A 24 -4.16 11.32 -9.96
N LYS A 25 -3.10 12.12 -10.08
CA LYS A 25 -2.15 11.95 -11.18
C LYS A 25 -1.41 10.61 -11.09
N VAL A 26 -1.04 10.17 -9.89
CA VAL A 26 -0.26 8.94 -9.80
C VAL A 26 -1.10 7.74 -10.23
N VAL A 27 -2.41 7.78 -9.98
CA VAL A 27 -3.26 6.69 -10.44
C VAL A 27 -3.40 6.73 -11.97
N GLU A 28 -3.55 7.93 -12.55
CA GLU A 28 -3.69 8.03 -14.00
C GLU A 28 -2.46 7.50 -14.73
N GLU A 29 -1.28 7.78 -14.17
CA GLU A 29 -0.01 7.44 -14.82
C GLU A 29 0.43 6.01 -14.52
N LYS A 30 0.38 5.62 -13.26
CA LYS A 30 0.96 4.35 -12.83
C LYS A 30 -0.08 3.27 -12.55
N ALA A 31 -1.37 3.62 -12.57
CA ALA A 31 -2.44 2.66 -12.30
C ALA A 31 -2.16 1.93 -11.00
N PHE A 32 -1.92 0.62 -11.07
CA PHE A 32 -1.66 -0.20 -9.89
C PHE A 32 -0.32 -0.90 -9.97
N SER A 33 0.68 -0.22 -10.53
CA SER A 33 2.06 -0.66 -10.33
C SER A 33 2.34 -0.70 -8.84
N PRO A 34 3.30 -1.54 -8.40
CA PRO A 34 3.62 -1.59 -6.97
C PRO A 34 3.96 -0.24 -6.33
N GLU A 35 4.68 0.63 -7.04
CA GLU A 35 5.11 1.88 -6.41
C GLU A 35 3.96 2.84 -6.16
N VAL A 36 2.73 2.48 -6.49
CA VAL A 36 1.59 3.32 -6.17
C VAL A 36 1.20 3.18 -4.71
N ILE A 37 1.56 2.07 -4.07
CA ILE A 37 1.27 1.89 -2.65
C ILE A 37 2.07 2.87 -1.79
N PRO A 38 3.39 2.97 -1.91
CA PRO A 38 4.10 4.01 -1.15
C PRO A 38 3.60 5.42 -1.42
N MET A 39 3.26 5.78 -2.66
CA MET A 39 2.72 7.12 -2.88
C MET A 39 1.43 7.32 -2.10
N PHE A 40 0.56 6.32 -2.07
CA PHE A 40 -0.69 6.44 -1.34
C PHE A 40 -0.43 6.62 0.16
N SER A 41 0.46 5.81 0.71
CA SER A 41 0.78 5.94 2.13
C SER A 41 1.43 7.28 2.44
N ALA A 42 2.30 7.78 1.56
CA ALA A 42 2.95 9.04 1.86
C ALA A 42 1.98 10.20 1.69
N LEU A 43 1.15 10.18 0.65
CA LEU A 43 0.22 11.28 0.41
C LEU A 43 -0.86 11.35 1.49
N SER A 44 -1.25 10.20 2.05
CA SER A 44 -2.25 10.15 3.12
C SER A 44 -1.63 10.16 4.51
N CYS A 45 -0.39 10.66 4.64
CA CYS A 45 0.23 10.85 5.95
C CYS A 45 -0.70 11.63 6.87
N GLY A 46 -0.98 11.07 8.05
CA GLY A 46 -1.83 11.78 8.99
C GLY A 46 -3.29 11.92 8.57
N ALA A 47 -3.73 11.17 7.56
CA ALA A 47 -5.07 11.34 7.04
C ALA A 47 -6.13 10.82 8.01
N THR A 48 -7.25 11.52 8.05
CA THR A 48 -8.44 11.02 8.71
C THR A 48 -9.12 10.02 7.80
N PRO A 49 -10.11 9.27 8.31
CA PRO A 49 -10.91 8.43 7.40
C PRO A 49 -11.60 9.23 6.31
N GLN A 50 -12.04 10.45 6.62
CA GLN A 50 -12.67 11.28 5.59
C GLN A 50 -11.68 11.60 4.47
N ASP A 51 -10.44 11.98 4.83
CA ASP A 51 -9.42 12.26 3.83
C ASP A 51 -9.14 11.02 2.99
N LEU A 52 -9.08 9.85 3.62
CA LEU A 52 -8.84 8.63 2.87
C LEU A 52 -9.96 8.36 1.89
N ASN A 53 -11.20 8.56 2.32
CA ASN A 53 -12.32 8.35 1.41
C ASN A 53 -12.32 9.38 0.29
N THR A 54 -12.02 10.63 0.61
CA THR A 54 -11.81 11.65 -0.41
C THR A 54 -10.83 11.16 -1.49
N MET A 55 -9.65 10.71 -1.07
CA MET A 55 -8.62 10.31 -2.03
C MET A 55 -9.10 9.17 -2.91
N LEU A 56 -9.75 8.16 -2.30
CA LEU A 56 -10.27 7.06 -3.09
C LEU A 56 -11.38 7.49 -4.03
N ASN A 57 -12.18 8.47 -3.61
CA ASN A 57 -13.29 8.90 -4.45
C ASN A 57 -12.84 9.76 -5.61
N THR A 58 -11.74 10.48 -5.47
CA THR A 58 -11.27 11.30 -6.57
C THR A 58 -10.76 10.46 -7.73
N VAL A 59 -10.48 9.18 -7.49
CA VAL A 59 -10.10 8.28 -8.57
C VAL A 59 -11.27 8.12 -9.52
N GLY A 60 -11.05 8.45 -10.79
CA GLY A 60 -11.99 8.13 -11.85
C GLY A 60 -11.43 6.95 -12.61
N GLY A 61 -12.31 6.02 -12.96
CA GLY A 61 -11.88 4.78 -13.57
C GLY A 61 -11.44 3.76 -12.55
N HIS A 62 -10.94 2.64 -13.07
CA HIS A 62 -10.47 1.51 -12.26
C HIS A 62 -11.51 1.07 -11.24
N GLN A 63 -12.79 1.27 -11.57
CA GLN A 63 -13.86 1.05 -10.61
C GLN A 63 -13.98 -0.41 -10.23
N ALA A 64 -13.56 -1.32 -11.11
CA ALA A 64 -13.46 -2.73 -10.71
C ALA A 64 -12.52 -2.90 -9.53
N ALA A 65 -11.34 -2.29 -9.58
CA ALA A 65 -10.44 -2.38 -8.44
C ALA A 65 -11.00 -1.65 -7.24
N MET A 66 -11.57 -0.46 -7.46
CA MET A 66 -12.14 0.31 -6.35
C MET A 66 -13.24 -0.47 -5.65
N HIS A 67 -14.03 -1.24 -6.41
CA HIS A 67 -15.05 -2.04 -5.76
C HIS A 67 -14.44 -3.20 -5.00
N MET A 68 -13.40 -3.86 -5.55
CA MET A 68 -12.72 -4.89 -4.78
C MET A 68 -12.15 -4.32 -3.49
N LEU A 69 -11.71 -3.07 -3.54
CA LEU A 69 -11.19 -2.39 -2.36
C LEU A 69 -12.27 -2.25 -1.28
N LYS A 70 -13.50 -1.95 -1.68
CA LYS A 70 -14.57 -1.87 -0.69
C LYS A 70 -14.80 -3.21 -0.03
N GLU A 71 -14.77 -4.30 -0.80
CA GLU A 71 -15.00 -5.62 -0.23
C GLU A 71 -13.90 -6.00 0.76
N THR A 72 -12.68 -5.56 0.50
CA THR A 72 -11.60 -5.82 1.45
C THR A 72 -11.81 -5.00 2.71
N ILE A 73 -12.23 -3.75 2.55
CA ILE A 73 -12.53 -2.90 3.70
C ILE A 73 -13.66 -3.51 4.52
N ASP A 74 -14.71 -4.01 3.87
CA ASP A 74 -15.81 -4.63 4.62
C ASP A 74 -15.34 -5.88 5.34
N GLU A 75 -14.50 -6.70 4.69
CA GLU A 75 -13.91 -7.82 5.38
C GLU A 75 -13.17 -7.37 6.62
N GLU A 76 -12.28 -6.38 6.48
CA GLU A 76 -11.47 -5.93 7.63
C GLU A 76 -12.32 -5.27 8.70
N ALA A 77 -13.29 -4.44 8.31
CA ALA A 77 -14.20 -3.82 9.26
C ALA A 77 -14.95 -4.89 10.07
N ALA A 78 -15.48 -5.91 9.39
CA ALA A 78 -16.21 -6.95 10.09
C ALA A 78 -15.31 -7.72 11.05
N GLU A 79 -14.05 -7.89 10.68
CA GLU A 79 -13.11 -8.51 11.61
C GLU A 79 -12.84 -7.59 12.80
N TRP A 80 -12.76 -6.27 12.56
CA TRP A 80 -12.60 -5.33 13.66
C TRP A 80 -13.76 -5.41 14.64
N ASP A 81 -14.98 -5.59 14.14
CA ASP A 81 -16.14 -5.68 15.01
C ASP A 81 -16.15 -6.98 15.81
N ARG A 82 -15.64 -8.07 15.22
CA ARG A 82 -15.61 -9.33 15.97
C ARG A 82 -14.58 -9.28 17.10
N LEU A 83 -13.51 -8.52 16.93
CA LEU A 83 -12.49 -8.37 17.95
C LEU A 83 -12.75 -7.23 18.92
N HIS A 84 -13.55 -6.24 18.54
CA HIS A 84 -13.83 -5.06 19.37
C HIS A 84 -15.32 -4.77 19.43
N PRO A 85 -16.10 -5.55 20.16
CA PRO A 85 -17.53 -5.27 20.30
C PRO A 85 -17.78 -4.03 21.14
N VAL A 86 -18.59 -3.11 20.60
CA VAL A 86 -18.91 -1.85 21.29
C VAL A 86 -19.81 -2.14 22.49
N HIS A 87 -19.38 -1.68 23.66
CA HIS A 87 -20.13 -1.87 24.89
C HIS A 87 -21.15 -0.76 25.07
N ALA A 88 -22.35 -1.14 25.53
CA ALA A 88 -23.43 -0.20 25.74
C ALA A 88 -23.18 0.63 26.99
N GLY A 89 -23.50 1.91 26.90
CA GLY A 89 -23.40 2.81 28.02
C GLY A 89 -23.22 4.24 27.57
N PRO A 90 -23.62 5.19 28.42
CA PRO A 90 -23.42 6.61 28.09
C PRO A 90 -21.94 6.96 28.12
N ILE A 91 -21.50 7.71 27.10
CA ILE A 91 -20.10 8.09 27.01
C ILE A 91 -19.81 9.21 27.99
N ALA A 92 -18.69 9.09 28.71
CA ALA A 92 -18.40 10.06 29.76
C ALA A 92 -18.03 11.41 29.13
N PRO A 93 -18.20 12.50 29.89
CA PRO A 93 -17.88 13.83 29.34
C PRO A 93 -16.42 13.94 28.93
N GLY A 94 -16.20 14.46 27.73
CA GLY A 94 -14.86 14.58 27.21
C GLY A 94 -14.25 13.32 26.64
N GLN A 95 -15.02 12.24 26.53
CA GLN A 95 -14.55 10.96 26.02
C GLN A 95 -15.27 10.62 24.70
N MET A 96 -14.77 9.58 24.03
CA MET A 96 -15.24 9.14 22.71
C MET A 96 -15.86 7.76 22.80
N ARG A 97 -16.95 7.54 22.07
CA ARG A 97 -17.50 6.21 21.92
C ARG A 97 -16.48 5.30 21.23
N GLU A 98 -16.55 4.02 21.54
CA GLU A 98 -15.67 3.08 20.85
C GLU A 98 -16.03 3.04 19.37
N PRO A 99 -15.04 3.01 18.47
CA PRO A 99 -15.35 2.96 17.04
C PRO A 99 -15.73 1.57 16.56
N ARG A 100 -16.73 1.52 15.68
CA ARG A 100 -17.03 0.31 14.95
C ARG A 100 -16.23 0.27 13.65
N GLY A 101 -16.27 -0.88 12.99
CA GLY A 101 -15.59 -0.99 11.70
C GLY A 101 -16.03 0.10 10.73
N SER A 102 -17.34 0.35 10.66
CA SER A 102 -17.87 1.36 9.77
C SER A 102 -17.54 2.77 10.22
N ASP A 103 -17.23 2.98 11.51
CA ASP A 103 -16.75 4.30 11.95
C ASP A 103 -15.32 4.54 11.50
N ILE A 104 -14.48 3.50 11.59
CA ILE A 104 -13.12 3.59 11.10
C ILE A 104 -13.11 3.82 9.60
N ALA A 105 -14.03 3.18 8.87
CA ALA A 105 -14.06 3.37 7.42
C ALA A 105 -14.83 4.62 7.01
N GLY A 106 -15.24 5.44 7.98
CA GLY A 106 -15.80 6.76 7.73
C GLY A 106 -17.21 6.78 7.22
N THR A 107 -17.89 5.63 7.19
CA THR A 107 -19.24 5.53 6.67
C THR A 107 -20.29 5.86 7.72
N THR A 108 -20.05 5.55 9.00
CA THR A 108 -21.02 5.89 10.04
C THR A 108 -20.45 6.87 11.05
N SER A 109 -19.37 7.57 10.72
CA SER A 109 -18.74 8.49 11.65
C SER A 109 -18.55 9.85 11.01
N THR A 110 -18.62 10.89 11.84
CA THR A 110 -18.42 12.24 11.37
C THR A 110 -16.94 12.61 11.46
N LEU A 111 -16.59 13.71 10.78
CA LEU A 111 -15.24 14.23 10.89
C LEU A 111 -14.91 14.60 12.33
N GLN A 112 -15.85 15.25 13.03
CA GLN A 112 -15.61 15.64 14.42
C GLN A 112 -15.34 14.42 15.30
N GLU A 113 -16.02 13.31 15.04
CA GLU A 113 -15.71 12.09 15.78
C GLU A 113 -14.33 11.55 15.42
N GLN A 114 -13.97 11.60 14.14
CA GLN A 114 -12.66 11.12 13.74
C GLN A 114 -11.56 11.95 14.40
N ILE A 115 -11.73 13.27 14.44
CA ILE A 115 -10.80 14.15 15.12
C ILE A 115 -10.73 13.81 16.60
N GLY A 116 -11.89 13.54 17.22
CA GLY A 116 -11.91 13.14 18.61
C GLY A 116 -11.11 11.87 18.87
N TRP A 117 -11.29 10.86 18.02
CA TRP A 117 -10.50 9.63 18.21
C TRP A 117 -9.03 9.91 17.99
N MET A 118 -8.69 10.55 16.88
CA MET A 118 -7.30 10.74 16.52
C MET A 118 -6.53 11.68 17.43
N THR A 119 -7.20 12.64 18.07
CA THR A 119 -6.55 13.55 18.99
C THR A 119 -6.81 13.18 20.44
N HIS A 120 -7.35 12.00 20.70
CA HIS A 120 -7.54 11.54 22.07
C HIS A 120 -6.19 11.24 22.72
N ASN A 121 -6.20 11.10 24.04
CA ASN A 121 -5.00 10.78 24.81
C ASN A 121 -5.31 9.63 25.75
N PRO A 122 -4.91 8.39 25.41
CA PRO A 122 -4.22 8.02 24.17
C PRO A 122 -5.14 8.09 22.95
N PRO A 123 -4.57 8.35 21.79
CA PRO A 123 -5.39 8.45 20.57
C PRO A 123 -5.79 7.07 20.05
N ILE A 124 -6.94 7.05 19.39
CA ILE A 124 -7.38 5.88 18.64
C ILE A 124 -7.11 6.18 17.18
N PRO A 125 -6.07 5.62 16.59
CA PRO A 125 -5.67 6.06 15.24
C PRO A 125 -6.56 5.46 14.17
N VAL A 126 -7.83 5.88 14.13
CA VAL A 126 -8.75 5.34 13.14
C VAL A 126 -8.24 5.58 11.73
N GLY A 127 -7.48 6.67 11.53
CA GLY A 127 -6.93 6.92 10.21
C GLY A 127 -5.91 5.87 9.80
N GLU A 128 -5.00 5.53 10.72
CA GLU A 128 -3.99 4.51 10.44
C GLU A 128 -4.61 3.13 10.34
N ILE A 129 -5.63 2.85 11.16
CA ILE A 129 -6.32 1.56 11.03
C ILE A 129 -6.98 1.45 9.65
N TYR A 130 -7.68 2.50 9.23
CA TYR A 130 -8.32 2.48 7.92
C TYR A 130 -7.30 2.42 6.80
N LYS A 131 -6.20 3.16 6.92
CA LYS A 131 -5.18 3.17 5.89
C LYS A 131 -4.56 1.78 5.68
N ARG A 132 -4.33 1.06 6.78
CA ARG A 132 -3.88 -0.32 6.74
C ARG A 132 -4.84 -1.21 5.97
N TRP A 133 -6.15 -1.07 6.22
CA TRP A 133 -7.12 -1.87 5.48
C TRP A 133 -7.03 -1.56 3.98
N ILE A 134 -6.86 -0.27 3.65
CA ILE A 134 -6.81 0.13 2.26
C ILE A 134 -5.55 -0.40 1.60
N ILE A 135 -4.41 -0.27 2.27
CA ILE A 135 -3.17 -0.76 1.71
C ILE A 135 -3.23 -2.27 1.55
N LEU A 136 -3.85 -2.95 2.51
CA LEU A 136 -4.10 -4.38 2.34
C LEU A 136 -4.88 -4.65 1.06
N GLY A 137 -5.98 -3.92 0.84
CA GLY A 137 -6.77 -4.14 -0.35
C GLY A 137 -6.07 -3.70 -1.62
N LEU A 138 -5.24 -2.66 -1.54
CA LEU A 138 -4.49 -2.22 -2.71
C LEU A 138 -3.43 -3.25 -3.09
N ASN A 139 -2.81 -3.88 -2.10
CA ASN A 139 -1.84 -4.93 -2.40
C ASN A 139 -2.47 -6.08 -3.16
N LYS A 140 -3.70 -6.46 -2.82
CA LYS A 140 -4.33 -7.55 -3.56
C LYS A 140 -4.64 -7.12 -4.98
N ILE A 141 -4.98 -5.84 -5.18
CA ILE A 141 -5.20 -5.31 -6.52
C ILE A 141 -3.92 -5.33 -7.32
N VAL A 142 -2.81 -4.84 -6.74
CA VAL A 142 -1.52 -4.88 -7.42
C VAL A 142 -1.17 -6.31 -7.81
N ARG A 143 -1.38 -7.26 -6.89
CA ARG A 143 -1.09 -8.66 -7.18
C ARG A 143 -1.96 -9.18 -8.32
N MET A 144 -3.23 -8.80 -8.35
CA MET A 144 -4.14 -9.34 -9.36
C MET A 144 -3.84 -8.76 -10.74
N TYR A 145 -3.40 -7.51 -10.79
CA TYR A 145 -3.11 -6.85 -12.05
C TYR A 145 -1.68 -7.05 -12.51
N SER A 146 -0.88 -7.80 -11.75
CA SER A 146 0.45 -8.22 -12.19
C SER A 146 0.31 -9.10 -13.41
N PRO A 147 0.84 -8.69 -14.57
CA PRO A 147 0.57 -9.45 -15.81
C PRO A 147 1.37 -10.73 -15.96
N THR A 148 2.60 -10.76 -15.45
CA THR A 148 3.53 -11.82 -15.78
C THR A 148 4.00 -12.55 -14.53
N SER A 149 4.09 -13.86 -14.63
CA SER A 149 4.64 -14.68 -13.56
C SER A 149 6.17 -14.66 -13.59
N ILE A 150 6.77 -14.82 -12.40
CA ILE A 150 8.23 -14.85 -12.31
C ILE A 150 8.81 -16.02 -13.10
N LEU A 151 8.06 -17.11 -13.28
CA LEU A 151 8.55 -18.24 -14.06
C LEU A 151 8.76 -17.90 -15.53
N ASP A 152 8.15 -16.82 -16.01
CA ASP A 152 8.28 -16.45 -17.41
C ASP A 152 9.30 -15.34 -17.63
N ILE A 153 10.02 -14.92 -16.59
CA ILE A 153 11.06 -13.92 -16.75
C ILE A 153 12.37 -14.67 -16.99
N ARG A 154 12.76 -14.78 -18.26
N ARG A 154 12.75 -14.78 -18.26
CA ARG A 154 13.97 -15.48 -18.65
CA ARG A 154 13.97 -15.48 -18.65
C ARG A 154 14.87 -14.55 -19.46
C ARG A 154 14.86 -14.54 -19.45
N GLN A 155 16.17 -14.59 -19.15
CA GLN A 155 17.13 -13.75 -19.86
C GLN A 155 17.22 -14.17 -21.32
N GLY A 156 17.17 -13.19 -22.20
CA GLY A 156 17.33 -13.43 -23.61
C GLY A 156 18.76 -13.79 -23.94
N PRO A 157 18.95 -14.50 -25.06
CA PRO A 157 20.29 -14.97 -25.39
C PRO A 157 21.30 -13.86 -25.61
N LYS A 158 20.85 -12.67 -26.01
CA LYS A 158 21.73 -11.53 -26.17
C LYS A 158 21.29 -10.37 -25.29
N GLU A 159 20.42 -10.64 -24.32
CA GLU A 159 19.92 -9.62 -23.41
C GLU A 159 20.98 -9.34 -22.33
N PRO A 160 21.36 -8.07 -22.13
CA PRO A 160 22.28 -7.76 -21.03
C PRO A 160 21.69 -8.19 -19.70
N PHE A 161 22.56 -8.77 -18.86
CA PHE A 161 22.13 -9.30 -17.57
C PHE A 161 21.44 -8.24 -16.72
N ARG A 162 21.97 -7.01 -16.74
CA ARG A 162 21.35 -5.91 -16.01
C ARG A 162 19.88 -5.75 -16.38
N ASP A 163 19.58 -5.70 -17.68
CA ASP A 163 18.19 -5.55 -18.13
C ASP A 163 17.34 -6.70 -17.64
N TYR A 164 17.86 -7.93 -17.72
CA TYR A 164 17.13 -9.10 -17.25
C TYR A 164 16.81 -8.99 -15.77
N VAL A 165 17.81 -8.68 -14.95
CA VAL A 165 17.59 -8.55 -13.51
C VAL A 165 16.58 -7.45 -13.22
N ASP A 166 16.61 -6.37 -14.00
CA ASP A 166 15.61 -5.32 -13.86
C ASP A 166 14.20 -5.87 -14.06
N ARG A 167 14.01 -6.66 -15.13
CA ARG A 167 12.68 -7.22 -15.36
C ARG A 167 12.31 -8.23 -14.30
N PHE A 168 13.30 -9.00 -13.81
CA PHE A 168 13.05 -10.04 -12.83
C PHE A 168 12.51 -9.47 -11.52
N TYR A 169 13.25 -8.55 -10.90
CA TYR A 169 12.80 -8.04 -9.62
C TYR A 169 11.59 -7.12 -9.75
N LYS A 170 11.42 -6.48 -10.90
CA LYS A 170 10.18 -5.74 -11.17
C LYS A 170 8.99 -6.68 -11.13
N THR A 171 9.10 -7.82 -11.81
CA THR A 171 8.02 -8.81 -11.81
C THR A 171 7.82 -9.39 -10.43
N LEU A 172 8.91 -9.74 -9.77
CA LEU A 172 8.85 -10.29 -8.43
C LEU A 172 8.12 -9.33 -7.48
N ARG A 173 8.43 -8.05 -7.57
CA ARG A 173 7.80 -7.07 -6.68
C ARG A 173 6.29 -7.07 -6.86
N ALA A 174 5.81 -7.11 -8.11
CA ALA A 174 4.37 -7.08 -8.33
C ALA A 174 3.72 -8.39 -7.92
N GLU A 175 4.41 -9.52 -8.15
CA GLU A 175 3.87 -10.82 -7.76
C GLU A 175 3.78 -10.97 -6.24
N GLN A 176 4.72 -10.38 -5.50
CA GLN A 176 4.78 -10.37 -4.02
C GLN A 176 4.07 -11.51 -3.29
N THR A 186 14.43 -16.32 -4.25
CA THR A 186 14.49 -15.57 -5.49
C THR A 186 15.84 -15.79 -6.16
N GLU A 187 16.87 -15.97 -5.34
CA GLU A 187 18.24 -15.99 -5.86
C GLU A 187 18.46 -17.14 -6.84
N THR A 188 18.07 -18.37 -6.45
CA THR A 188 18.40 -19.51 -7.29
C THR A 188 17.58 -19.52 -8.57
N LEU A 189 16.34 -19.03 -8.51
CA LEU A 189 15.55 -18.87 -9.73
C LEU A 189 16.15 -17.83 -10.67
N LEU A 190 16.81 -16.80 -10.11
CA LEU A 190 17.46 -15.79 -10.92
C LEU A 190 18.58 -16.39 -11.77
N VAL A 191 19.32 -17.34 -11.20
CA VAL A 191 20.33 -18.07 -11.96
C VAL A 191 19.68 -19.00 -12.97
N GLN A 192 18.63 -19.73 -12.56
CA GLN A 192 18.05 -20.73 -13.43
C GLN A 192 17.49 -20.10 -14.70
N ASN A 193 16.92 -18.91 -14.59
CA ASN A 193 16.33 -18.21 -15.73
C ASN A 193 17.35 -17.37 -16.51
N ALA A 194 18.62 -17.31 -16.08
CA ALA A 194 19.64 -16.63 -16.88
C ALA A 194 19.93 -17.43 -18.16
N ASN A 195 20.48 -16.73 -19.16
CA ASN A 195 20.78 -17.41 -20.42
C ASN A 195 21.97 -18.35 -20.24
N PRO A 196 22.18 -19.28 -21.18
CA PRO A 196 23.29 -20.25 -21.02
C PRO A 196 24.64 -19.64 -20.71
N ASP A 197 25.02 -18.57 -21.40
CA ASP A 197 26.35 -18.00 -21.20
C ASP A 197 26.52 -17.42 -19.81
N CYS A 198 25.50 -16.76 -19.28
CA CYS A 198 25.64 -16.20 -17.94
C CYS A 198 25.44 -17.25 -16.87
N LYS A 199 24.58 -18.24 -17.12
CA LYS A 199 24.38 -19.31 -16.14
C LYS A 199 25.67 -20.06 -15.87
N THR A 200 26.45 -20.33 -16.92
CA THR A 200 27.75 -20.97 -16.74
C THR A 200 28.67 -20.13 -15.84
N ILE A 201 28.68 -18.81 -16.05
CA ILE A 201 29.50 -17.95 -15.20
C ILE A 201 28.99 -17.96 -13.77
N LEU A 202 27.67 -17.94 -13.59
CA LEU A 202 27.08 -17.89 -12.26
C LEU A 202 27.24 -19.22 -11.52
N LYS A 203 27.22 -20.33 -12.25
CA LYS A 203 27.56 -21.62 -11.66
C LYS A 203 28.93 -21.57 -11.00
N ALA A 204 29.94 -21.08 -11.72
CA ALA A 204 31.31 -21.08 -11.21
C ALA A 204 31.52 -20.08 -10.08
N LEU A 205 30.66 -19.06 -9.96
CA LEU A 205 30.75 -18.15 -8.82
C LEU A 205 30.49 -18.86 -7.51
N GLY A 206 29.65 -19.89 -7.54
CA GLY A 206 29.28 -20.61 -6.36
C GLY A 206 28.09 -19.99 -5.67
N PRO A 207 27.64 -20.59 -4.58
CA PRO A 207 26.53 -20.02 -3.81
C PRO A 207 27.03 -18.91 -2.90
N GLY A 208 26.07 -18.12 -2.42
CA GLY A 208 26.38 -17.04 -1.51
C GLY A 208 26.98 -15.81 -2.15
N ALA A 209 27.02 -15.77 -3.48
CA ALA A 209 27.46 -14.57 -4.18
C ALA A 209 26.40 -13.49 -4.05
N THR A 210 26.85 -12.24 -3.96
CA THR A 210 25.92 -11.12 -3.92
C THR A 210 25.41 -10.81 -5.32
N LEU A 211 24.29 -10.09 -5.38
CA LEU A 211 23.76 -9.65 -6.66
C LEU A 211 24.80 -8.82 -7.41
N GLU A 212 25.47 -7.92 -6.69
CA GLU A 212 26.54 -7.12 -7.29
C GLU A 212 27.64 -8.00 -7.87
N GLU A 213 28.02 -9.07 -7.16
CA GLU A 213 28.98 -10.00 -7.73
C GLU A 213 28.41 -10.72 -8.95
N MET A 214 27.14 -11.13 -8.88
CA MET A 214 26.53 -11.78 -10.04
C MET A 214 26.48 -10.83 -11.24
N MET A 215 26.02 -9.60 -11.03
CA MET A 215 25.92 -8.65 -12.14
C MET A 215 27.29 -8.36 -12.72
N THR A 216 28.29 -8.14 -11.86
CA THR A 216 29.65 -7.92 -12.33
C THR A 216 30.16 -9.11 -13.15
N ALA A 217 29.81 -10.33 -12.78
CA ALA A 217 30.34 -11.50 -13.47
C ALA A 217 29.72 -11.72 -14.85
N CYS A 218 28.49 -11.25 -15.08
CA CYS A 218 27.79 -11.47 -16.34
C CYS A 218 27.71 -10.22 -17.21
N GLN A 219 28.47 -9.17 -16.91
CA GLN A 219 28.42 -7.97 -17.74
C GLN A 219 29.53 -8.01 -18.79
C01 QNG B . -16.63 5.52 -0.64
C01 QNG B . -16.60 5.58 -0.67
C02 QNG B . -17.70 8.57 1.20
C02 QNG B . -17.60 8.68 1.12
C03 QNG B . -17.96 8.11 2.51
C03 QNG B . -17.89 8.24 2.42
C04 QNG B . -17.79 6.74 2.81
C04 QNG B . -17.76 6.86 2.74
C05 QNG B . -17.11 6.44 0.49
C05 QNG B . -17.07 6.52 0.44
C07 QNG B . -17.11 4.36 1.97
C07 QNG B . -17.14 4.45 1.93
C08 QNG B . -18.10 3.37 1.58
C08 QNG B . -18.14 3.44 1.56
C09 QNG B . -17.80 2.04 1.77
C09 QNG B . -17.82 2.11 1.78
C10 QNG B . -16.56 1.62 2.30
C10 QNG B . -16.58 1.71 2.31
C11 QNG B . -15.59 2.56 2.66
C11 QNG B . -15.62 2.66 2.66
C12 QNG B . -15.88 3.94 2.48
C12 QNG B . -15.92 4.03 2.45
C13 QNG B . -17.36 5.90 1.77
C13 QNG B . -17.35 5.99 1.73
C16 QNG B . -18.95 1.30 1.32
C16 QNG B . -18.99 1.37 1.34
C18 QNG B . -20.11 4.64 0.69
C18 QNG B . -20.13 4.69 0.66
C19 QNG B . -15.08 5.56 -0.52
C19 QNG B . -15.06 5.60 -0.56
C20 QNG B . -14.34 4.55 -1.43
C20 QNG B . -14.33 4.57 -1.46
C21 QNG B . -14.10 4.88 -2.77
C21 QNG B . -14.08 4.88 -2.80
C22 QNG B . -13.41 3.98 -3.59
C22 QNG B . -13.41 3.97 -3.61
C23 QNG B . -12.97 2.76 -3.08
C23 QNG B . -12.99 2.75 -3.10
C24 QNG B . -13.22 2.44 -1.75
C24 QNG B . -13.22 2.45 -1.75
C25 QNG B . -13.90 3.33 -0.92
C25 QNG B . -13.90 3.36 -0.94
C28 QNG B . -17.86 5.17 -2.88
C28 QNG B . -17.84 5.18 -2.89
C30 QNG B . -18.28 5.67 -4.30
C30 QNG B . -18.28 5.66 -4.30
C31 QNG B . -18.82 2.62 -6.25
C31 QNG B . -18.81 2.61 -6.26
C32 QNG B . -17.98 3.53 -5.56
C32 QNG B . -17.97 3.52 -5.56
C35 QNG B . -20.13 3.11 -6.15
C35 QNG B . -20.13 3.10 -6.16
C36 QNG B . -17.94 1.43 -6.82
C36 QNG B . -17.94 1.43 -6.83
C37 QNG B . -16.50 1.86 -6.62
C37 QNG B . -16.49 1.86 -6.62
C38 QNG B . -16.52 3.03 -5.66
C38 QNG B . -16.51 3.02 -5.66
C39 QNG B . -16.99 1.44 -8.00
C39 QNG B . -16.98 1.44 -8.00
C40 QNG B . -21.37 2.44 -6.75
C40 QNG B . -21.36 2.43 -6.76
C44 QNG B . -17.88 10.04 0.81
C44 QNG B . -17.73 10.18 0.72
C45 QNG B . -17.94 11.18 0.43
C45 QNG B . -17.79 11.34 0.40
C46 QNG B . -17.68 12.63 -0.01
C46 QNG B . -17.63 12.84 0.03
C49 QNG B . -19.85 -2.39 -0.33
C49 QNG B . -19.85 -2.36 -0.30
C54 QNG B . -18.20 13.61 1.06
C54 QNG B . -16.21 13.01 -0.55
C56 QNG B . -18.33 12.92 -1.40
C56 QNG B . -17.74 13.69 1.32
C58 QNG B . -15.19 12.00 1.47
C58 QNG B . -18.13 14.93 -2.00
C60 QNG B . -21.19 4.93 1.74
C60 QNG B . -21.22 4.97 1.72
F26 QNG B . -12.79 1.25 -1.24
F26 QNG B . -12.81 1.25 -1.24
F27 QNG B . -13.19 4.31 -4.90
F27 QNG B . -13.18 4.29 -4.92
F41 QNG B . -15.74 4.06 -6.09
F41 QNG B . -15.72 4.04 -6.11
F42 QNG B . -16.05 2.60 -4.44
F42 QNG B . -16.05 2.60 -4.44
F52 QNG B . -21.62 1.31 -6.04
F52 QNG B . -21.65 1.30 -6.05
F53 QNG B . -22.42 3.30 -6.71
F53 QNG B . -22.42 3.29 -6.72
F61 QNG B . -22.04 5.90 1.26
F61 QNG B . -22.05 5.97 1.27
F62 QNG B . -21.89 3.78 1.98
F62 QNG B . -21.96 3.84 1.93
F63 QNG B . -20.62 5.36 2.90
F63 QNG B . -20.63 5.36 2.90
F64 QNG B . -21.08 2.09 -8.04
F64 QNG B . -21.09 2.09 -8.05
N06 QNG B . -17.28 7.73 0.25
N06 QNG B . -17.20 7.82 0.19
N14 QNG B . -19.37 3.43 1.05
N14 QNG B . -19.40 3.48 1.04
N15 QNG B . -19.86 2.18 0.89
N15 QNG B . -19.90 2.24 0.90
N17 QNG B . -19.05 -0.16 1.34
N17 QNG B . -19.09 -0.10 1.38
N33 QNG B . -18.76 4.52 -5.09
N33 QNG B . -18.75 4.50 -5.10
N34 QNG B . -20.09 4.29 -5.44
N34 QNG B . -20.09 4.27 -5.45
N43 QNG B . -17.03 6.00 -1.97
N43 QNG B . -17.01 6.04 -2.00
O29 QNG B . -18.21 4.10 -2.54
O29 QNG B . -18.20 4.12 -2.51
O50 QNG B . -21.33 -1.38 1.75
O50 QNG B . -21.41 -1.31 1.69
O51 QNG B . -21.25 -0.06 -0.08
O51 QNG B . -21.24 -0.01 -0.15
O57 QNG B . -15.37 11.82 -1.22
O57 QNG B . -19.26 12.46 -2.17
O59 QNG B . -15.31 13.98 -0.43
O59 QNG B . -20.13 13.85 -0.58
S48 QNG B . -20.41 -0.97 0.69
S48 QNG B . -20.44 -0.92 0.67
S55 QNG B . -15.85 12.66 -0.11
S55 QNG B . -18.86 13.47 -1.20
CL47 QNG B . -16.35 -0.15 2.47
CL47 QNG B . -16.30 -0.05 2.53
CL CL C . 26.01 -4.00 -14.53
CL CL D . -16.11 10.22 5.71
CL CL E . 3.87 20.52 -1.41
CL CL F . -15.94 6.93 -12.28
I IOD G . -16.50 6.36 28.39
#